data_3MTW
#
_entry.id   3MTW
#
_cell.length_a   200.315
_cell.length_b   200.315
_cell.length_c   200.315
_cell.angle_alpha   90.00
_cell.angle_beta   90.00
_cell.angle_gamma   90.00
#
_symmetry.space_group_name_H-M   'I 4 3 2'
#
loop_
_entity.id
_entity.type
_entity.pdbx_description
1 polymer 'L-Arginine carboxypeptidase Cc2672'
2 non-polymer 'ZINC ION'
3 non-polymer 'Methyl phosphonated L-Arginine'
4 non-polymer 'SULFATE ION'
5 non-polymer GLYCEROL
6 non-polymer DI(HYDROXYETHYL)ETHER
7 water water
#
_entity_poly.entity_id   1
_entity_poly.type   'polypeptide(L)'
_entity_poly.pdbx_seq_one_letter_code
;AEIKAVSAARLLDVASGKYVDNPLVIVTDGRITSIGKKGDAVPAGATAVDLPGVTLLPGLIDMHVHLDSLAEVGGYNSLE
YSDRFWSVVQTANAKKTLEAGFTTVRNVGAADYDDVGLREAIDAGYVPGPRIVTAAISFGATGGHCDSTFFPPSMDQKNP
FNSDSPDEARKAVRTLKKYGAQVI(KCX)ICATGGVFSRGNEPGQQQLTYEEMKAVVDEAHMAGIKVAAHAHGASGIREA
VRAGVDTIEHASLVDDEGIKLAVQKGAYFSMDIYNTDYTQAEGKKNGVLEDNLRKDRDIGELQRENFRKALKAGVKMVYG
TDAGIYPHGDNAKQFAVMVRYGATPLQAIQSATLTAAEALGRSKDVGQVAVGRYGDMIAVAGDPLADVTTLEKPVFVMKG
GAVVKAP
;
_entity_poly.pdbx_strand_id   A
#
loop_
_chem_comp.id
_chem_comp.type
_chem_comp.name
_chem_comp.formula
GOL non-polymer GLYCEROL 'C3 H8 O3'
PEG non-polymer DI(HYDROXYETHYL)ETHER 'C4 H10 O3'
SO4 non-polymer 'SULFATE ION' 'O4 S -2'
ZN non-polymer 'ZINC ION' 'Zn 2'
#
# COMPACT_ATOMS: atom_id res chain seq x y z
N ALA A 1 -16.62 7.26 27.76
CA ALA A 1 -15.66 6.97 26.69
C ALA A 1 -15.26 5.50 26.71
N GLU A 2 -14.73 5.03 25.58
CA GLU A 2 -14.24 3.66 25.46
C GLU A 2 -12.74 3.67 25.68
N ILE A 3 -12.28 3.03 26.75
CA ILE A 3 -10.87 3.13 27.12
C ILE A 3 -10.22 1.77 27.28
N LYS A 4 -9.10 1.57 26.59
CA LYS A 4 -8.34 0.34 26.74
C LYS A 4 -6.98 0.69 27.31
N ALA A 5 -6.48 -0.16 28.20
CA ALA A 5 -5.15 0.01 28.75
C ALA A 5 -4.36 -1.23 28.35
N VAL A 6 -3.46 -1.06 27.39
CA VAL A 6 -2.73 -2.18 26.81
C VAL A 6 -1.30 -2.27 27.35
N SER A 7 -0.99 -3.40 27.97
CA SER A 7 0.37 -3.64 28.46
C SER A 7 1.05 -4.78 27.70
N ALA A 8 2.37 -4.70 27.61
CA ALA A 8 3.14 -5.74 26.96
C ALA A 8 4.54 -5.75 27.53
N ALA A 9 5.38 -6.67 27.07
CA ALA A 9 6.75 -6.75 27.55
C ALA A 9 7.59 -5.58 27.04
N ARG A 10 7.35 -5.17 25.80
CA ARG A 10 8.15 -4.16 25.12
C ARG A 10 7.30 -3.42 24.12
N LEU A 11 7.73 -2.21 23.78
CA LEU A 11 7.16 -1.48 22.66
C LEU A 11 8.30 -0.99 21.78
N LEU A 12 8.17 -1.18 20.47
CA LEU A 12 9.15 -0.65 19.53
C LEU A 12 8.78 0.78 19.12
N ASP A 13 9.67 1.71 19.46
CA ASP A 13 9.59 3.08 18.96
C ASP A 13 10.20 3.08 17.56
N VAL A 14 9.35 3.20 16.52
CA VAL A 14 9.87 3.08 15.17
C VAL A 14 10.65 4.30 14.69
N ALA A 15 10.49 5.43 15.35
CA ALA A 15 11.25 6.62 15.01
C ALA A 15 12.71 6.46 15.46
N SER A 16 12.91 6.04 16.70
CA SER A 16 14.25 5.93 17.28
C SER A 16 14.90 4.58 17.05
N GLY A 17 14.09 3.58 16.76
CA GLY A 17 14.56 2.21 16.61
C GLY A 17 14.85 1.54 17.94
N LYS A 18 14.40 2.14 19.03
CA LYS A 18 14.68 1.60 20.36
C LYS A 18 13.47 0.93 20.96
N TYR A 19 13.71 -0.08 21.79
CA TYR A 19 12.65 -0.71 22.56
C TYR A 19 12.41 0.07 23.86
N VAL A 20 11.13 0.17 24.23
CA VAL A 20 10.71 0.71 25.52
C VAL A 20 10.15 -0.46 26.33
N ASP A 21 10.67 -0.67 27.54
CA ASP A 21 10.25 -1.80 28.35
C ASP A 21 8.94 -1.56 29.09
N ASN A 22 8.15 -2.63 29.24
CA ASN A 22 6.92 -2.62 30.04
C ASN A 22 5.96 -1.46 29.75
N PRO A 23 5.63 -1.26 28.47
CA PRO A 23 4.73 -0.17 28.09
C PRO A 23 3.31 -0.40 28.61
N LEU A 24 2.62 0.69 28.87
CA LEU A 24 1.18 0.69 29.13
C LEU A 24 0.60 1.77 28.24
N VAL A 25 -0.14 1.34 27.21
CA VAL A 25 -0.64 2.28 26.21
C VAL A 25 -2.12 2.44 26.46
N ILE A 26 -2.54 3.65 26.77
CA ILE A 26 -3.95 3.93 26.99
C ILE A 26 -4.54 4.51 25.71
N VAL A 27 -5.64 3.91 25.27
CA VAL A 27 -6.36 4.36 24.08
C VAL A 27 -7.76 4.80 24.51
N THR A 28 -8.09 6.04 24.19
CA THR A 28 -9.35 6.64 24.59
C THR A 28 -10.13 7.03 23.34
N ASP A 29 -11.30 6.45 23.18
CA ASP A 29 -12.12 6.71 21.99
C ASP A 29 -11.30 6.61 20.69
N GLY A 30 -10.44 5.60 20.61
CA GLY A 30 -9.69 5.32 19.40
C GLY A 30 -8.34 6.00 19.24
N ARG A 31 -8.03 6.95 20.13
CA ARG A 31 -6.77 7.69 20.07
C ARG A 31 -5.88 7.35 21.26
N ILE A 32 -4.59 7.20 21.00
CA ILE A 32 -3.63 7.01 22.07
C ILE A 32 -3.55 8.27 22.92
N THR A 33 -3.81 8.14 24.22
CA THR A 33 -3.76 9.27 25.13
C THR A 33 -2.57 9.21 26.10
N SER A 34 -1.95 8.04 26.21
CA SER A 34 -0.79 7.89 27.09
C SER A 34 0.05 6.67 26.72
N ILE A 35 1.36 6.84 26.82
CA ILE A 35 2.28 5.69 26.75
C ILE A 35 3.13 5.72 28.01
N GLY A 36 2.66 4.98 29.01
CA GLY A 36 3.34 4.96 30.30
C GLY A 36 3.97 3.61 30.56
N LYS A 37 3.99 3.20 31.82
CA LYS A 37 4.57 1.92 32.24
C LYS A 37 3.53 1.05 32.93
N LYS A 38 3.64 -0.27 32.73
CA LYS A 38 2.75 -1.18 33.44
C LYS A 38 2.84 -0.88 34.93
N GLY A 39 1.69 -0.84 35.60
CA GLY A 39 1.64 -0.48 37.00
C GLY A 39 1.22 0.97 37.20
N ASP A 40 1.24 1.75 36.13
CA ASP A 40 0.81 3.14 36.22
C ASP A 40 -0.70 3.20 36.43
N ALA A 41 -1.16 4.37 36.86
CA ALA A 41 -2.58 4.63 37.07
C ALA A 41 -3.33 4.57 35.76
N VAL A 42 -4.59 4.16 35.81
CA VAL A 42 -5.45 4.22 34.64
C VAL A 42 -6.72 4.98 35.01
N PRO A 43 -7.36 5.60 34.02
CA PRO A 43 -8.60 6.31 34.35
C PRO A 43 -9.71 5.31 34.67
N ALA A 44 -10.73 5.79 35.36
CA ALA A 44 -11.88 4.96 35.67
C ALA A 44 -12.50 4.43 34.37
N GLY A 45 -12.89 3.16 34.38
CA GLY A 45 -13.56 2.59 33.24
C GLY A 45 -12.63 1.85 32.28
N ALA A 46 -11.33 2.04 32.46
CA ALA A 46 -10.36 1.47 31.53
C ALA A 46 -10.41 -0.06 31.51
N THR A 47 -10.46 -0.64 30.31
CA THR A 47 -10.42 -2.08 30.16
C THR A 47 -8.99 -2.57 29.94
N ALA A 48 -8.54 -3.48 30.79
CA ALA A 48 -7.16 -3.97 30.70
C ALA A 48 -6.98 -5.00 29.59
N VAL A 49 -5.96 -4.80 28.78
CA VAL A 49 -5.56 -5.78 27.78
C VAL A 49 -4.08 -6.07 28.03
N ASP A 50 -3.79 -7.24 28.59
CA ASP A 50 -2.43 -7.57 28.98
C ASP A 50 -1.81 -8.60 28.05
N LEU A 51 -0.65 -8.26 27.50
CA LEU A 51 0.01 -9.12 26.53
C LEU A 51 1.40 -9.50 27.03
N PRO A 52 1.46 -10.46 27.98
CA PRO A 52 2.78 -10.77 28.55
C PRO A 52 3.75 -11.36 27.52
N GLY A 53 5.01 -10.93 27.60
CA GLY A 53 6.08 -11.57 26.86
C GLY A 53 6.28 -11.15 25.41
N VAL A 54 5.39 -10.31 24.90
CA VAL A 54 5.44 -9.92 23.49
C VAL A 54 5.68 -8.43 23.28
N THR A 55 5.94 -8.06 22.03
CA THR A 55 6.39 -6.70 21.69
C THR A 55 5.37 -5.98 20.81
N LEU A 56 4.93 -4.81 21.27
CA LEU A 56 4.03 -3.94 20.52
C LEU A 56 4.76 -3.16 19.41
N LEU A 57 4.08 -3.03 18.27
CA LEU A 57 4.53 -2.21 17.14
C LEU A 57 3.34 -1.38 16.69
N PRO A 58 3.59 -0.30 15.93
CA PRO A 58 2.45 0.39 15.32
C PRO A 58 1.70 -0.54 14.37
N GLY A 59 0.40 -0.31 14.17
CA GLY A 59 -0.32 -0.97 13.09
C GLY A 59 0.42 -0.81 11.77
N LEU A 60 0.47 -1.87 10.97
CA LEU A 60 1.26 -1.83 9.73
C LEU A 60 0.48 -1.19 8.59
N ILE A 61 1.21 -0.67 7.62
CA ILE A 61 0.62 0.05 6.50
C ILE A 61 1.09 -0.56 5.20
N ASP A 62 0.16 -0.90 4.32
CA ASP A 62 0.50 -1.34 2.98
C ASP A 62 0.08 -0.27 1.97
N MET A 63 1.06 0.32 1.31
CA MET A 63 0.82 1.46 0.43
C MET A 63 0.30 1.09 -0.95
N HIS A 64 0.07 -0.19 -1.19
CA HIS A 64 -0.28 -0.61 -2.53
C HIS A 64 -1.09 -1.89 -2.50
N VAL A 65 -2.41 -1.76 -2.38
CA VAL A 65 -3.29 -2.93 -2.40
C VAL A 65 -4.43 -2.73 -3.39
N HIS A 66 -5.04 -3.83 -3.81
CA HIS A 66 -6.24 -3.80 -4.64
C HIS A 66 -7.30 -4.70 -3.98
N LEU A 67 -8.06 -4.14 -3.05
CA LEU A 67 -8.93 -4.97 -2.22
C LEU A 67 -10.12 -5.61 -2.96
N ASP A 68 -10.52 -5.04 -4.10
CA ASP A 68 -11.60 -5.67 -4.87
C ASP A 68 -11.12 -6.60 -5.98
N SER A 69 -9.90 -7.11 -5.84
CA SER A 69 -9.42 -8.16 -6.74
C SER A 69 -9.04 -9.40 -5.93
N LEU A 70 -8.93 -10.55 -6.60
CA LEU A 70 -8.59 -11.82 -5.94
C LEU A 70 -7.42 -12.46 -6.66
N ALA A 71 -6.39 -12.84 -5.90
CA ALA A 71 -5.20 -13.43 -6.49
C ALA A 71 -5.54 -14.65 -7.36
N GLU A 72 -6.45 -15.48 -6.87
CA GLU A 72 -6.76 -16.74 -7.56
C GLU A 72 -7.64 -16.59 -8.78
N VAL A 73 -8.23 -15.41 -8.96
CA VAL A 73 -9.03 -15.16 -10.15
C VAL A 73 -8.26 -14.23 -11.10
N GLY A 74 -7.45 -14.84 -11.96
CA GLY A 74 -6.63 -14.10 -12.91
C GLY A 74 -7.18 -14.26 -14.32
N GLY A 75 -6.66 -13.47 -15.24
CA GLY A 75 -7.10 -13.58 -16.62
C GLY A 75 -8.60 -13.55 -16.81
N TYR A 76 -9.08 -14.28 -17.82
CA TYR A 76 -10.48 -14.18 -18.23
C TYR A 76 -11.46 -14.83 -17.25
N ASN A 77 -10.93 -15.55 -16.26
CA ASN A 77 -11.75 -16.17 -15.22
C ASN A 77 -12.60 -15.13 -14.49
N SER A 78 -12.10 -13.91 -14.41
CA SER A 78 -12.81 -12.84 -13.71
C SER A 78 -14.11 -12.51 -14.40
N LEU A 79 -14.23 -12.86 -15.68
CA LEU A 79 -15.40 -12.46 -16.45
C LEU A 79 -16.67 -13.22 -16.06
N GLU A 80 -16.51 -14.34 -15.35
CA GLU A 80 -17.66 -15.15 -15.00
C GLU A 80 -18.53 -14.53 -13.92
N TYR A 81 -17.94 -13.62 -13.14
CA TYR A 81 -18.63 -12.99 -12.02
C TYR A 81 -19.37 -11.72 -12.40
N SER A 82 -20.42 -11.41 -11.66
CA SER A 82 -21.09 -10.13 -11.79
C SER A 82 -20.18 -9.01 -11.31
N ASP A 83 -20.50 -7.78 -11.68
CA ASP A 83 -19.72 -6.63 -11.24
C ASP A 83 -19.73 -6.46 -9.72
N ARG A 84 -20.89 -6.70 -9.11
CA ARG A 84 -21.01 -6.43 -7.68
C ARG A 84 -20.44 -7.54 -6.81
N PHE A 85 -20.12 -8.68 -7.42
CA PHE A 85 -19.32 -9.69 -6.72
C PHE A 85 -18.05 -9.07 -6.13
N TRP A 86 -17.33 -8.31 -6.95
CA TRP A 86 -16.09 -7.67 -6.52
C TRP A 86 -16.36 -6.67 -5.41
N SER A 87 -17.47 -5.94 -5.53
CA SER A 87 -17.86 -4.93 -4.54
C SER A 87 -18.12 -5.57 -3.18
N VAL A 88 -18.54 -6.83 -3.21
CA VAL A 88 -18.80 -7.56 -1.98
C VAL A 88 -17.55 -8.26 -1.43
N VAL A 89 -16.81 -8.97 -2.28
CA VAL A 89 -15.68 -9.76 -1.76
C VAL A 89 -14.57 -8.87 -1.18
N GLN A 90 -14.47 -7.63 -1.63
CA GLN A 90 -13.51 -6.71 -1.05
C GLN A 90 -13.69 -6.58 0.48
N THR A 91 -14.89 -6.83 0.97
N THR A 91 -14.90 -6.83 0.95
CA THR A 91 -15.12 -6.80 2.42
CA THR A 91 -15.19 -6.83 2.38
C THR A 91 -14.37 -7.93 3.10
C THR A 91 -14.40 -7.93 3.08
N ALA A 92 -14.40 -9.13 2.50
CA ALA A 92 -13.62 -10.24 3.05
C ALA A 92 -12.13 -9.94 3.00
N ASN A 93 -11.69 -9.34 1.91
CA ASN A 93 -10.27 -9.03 1.74
C ASN A 93 -9.83 -7.97 2.74
N ALA A 94 -10.69 -6.99 2.98
CA ALA A 94 -10.43 -5.97 3.99
C ALA A 94 -10.29 -6.61 5.38
N LYS A 95 -11.17 -7.57 5.69
CA LYS A 95 -11.11 -8.25 6.98
C LYS A 95 -9.80 -9.05 7.14
N LYS A 96 -9.40 -9.79 6.12
CA LYS A 96 -8.14 -10.56 6.15
C LYS A 96 -6.92 -9.65 6.32
N THR A 97 -6.99 -8.49 5.67
CA THR A 97 -5.88 -7.53 5.70
C THR A 97 -5.73 -6.97 7.11
N LEU A 98 -6.84 -6.57 7.71
CA LEU A 98 -6.82 -6.06 9.08
C LEU A 98 -6.33 -7.13 10.05
N GLU A 99 -6.77 -8.37 9.84
CA GLU A 99 -6.42 -9.43 10.78
C GLU A 99 -4.95 -9.79 10.70
N ALA A 100 -4.34 -9.47 9.56
CA ALA A 100 -2.90 -9.66 9.39
C ALA A 100 -2.07 -8.53 10.00
N GLY A 101 -2.73 -7.52 10.56
CA GLY A 101 -2.03 -6.47 11.27
C GLY A 101 -1.87 -5.20 10.47
N PHE A 102 -2.50 -5.16 9.31
CA PHE A 102 -2.43 -3.99 8.45
C PHE A 102 -3.63 -3.10 8.66
N THR A 103 -3.41 -2.06 9.47
CA THR A 103 -4.48 -1.20 9.97
C THR A 103 -4.74 0.03 9.09
N THR A 104 -3.78 0.38 8.24
CA THR A 104 -4.00 1.40 7.20
C THR A 104 -3.51 0.85 5.86
N VAL A 105 -4.27 1.03 4.79
CA VAL A 105 -3.78 0.65 3.47
C VAL A 105 -4.16 1.72 2.45
N ARG A 106 -3.44 1.75 1.34
CA ARG A 106 -3.74 2.66 0.25
C ARG A 106 -4.17 1.82 -0.95
N ASN A 107 -5.44 1.96 -1.35
CA ASN A 107 -5.99 1.16 -2.45
C ASN A 107 -5.69 1.93 -3.72
N VAL A 108 -4.92 1.34 -4.64
CA VAL A 108 -4.40 2.12 -5.76
C VAL A 108 -4.98 1.65 -7.09
N GLY A 109 -6.30 1.56 -7.10
CA GLY A 109 -7.02 1.21 -8.32
C GLY A 109 -8.03 0.13 -8.03
N ALA A 110 -9.32 0.48 -8.19
CA ALA A 110 -10.43 -0.44 -7.96
C ALA A 110 -11.48 -0.14 -9.02
N ALA A 111 -12.47 -1.02 -9.14
CA ALA A 111 -13.52 -0.86 -10.13
C ALA A 111 -14.70 -0.07 -9.58
N ASP A 112 -15.17 0.88 -10.39
N ASP A 112 -15.24 0.86 -10.36
CA ASP A 112 -16.39 1.63 -10.18
CA ASP A 112 -16.54 1.45 -10.06
C ASP A 112 -16.63 2.11 -8.75
C ASP A 112 -16.66 2.10 -8.68
N TYR A 113 -15.58 2.67 -8.17
CA TYR A 113 -15.61 3.29 -6.84
C TYR A 113 -15.81 2.28 -5.70
N ASP A 114 -15.48 1.02 -5.95
CA ASP A 114 -15.57 -0.02 -4.92
C ASP A 114 -14.87 0.41 -3.63
N ASP A 115 -13.63 0.91 -3.77
CA ASP A 115 -12.82 1.26 -2.60
C ASP A 115 -13.42 2.42 -1.80
N VAL A 116 -14.02 3.38 -2.51
CA VAL A 116 -14.71 4.48 -1.83
C VAL A 116 -15.86 3.96 -0.95
N GLY A 117 -16.66 3.03 -1.50
CA GLY A 117 -17.76 2.43 -0.77
C GLY A 117 -17.27 1.67 0.45
N LEU A 118 -16.18 0.92 0.26
CA LEU A 118 -15.60 0.12 1.34
C LEU A 118 -15.09 1.01 2.47
N ARG A 119 -14.39 2.09 2.10
CA ARG A 119 -13.91 3.07 3.07
C ARG A 119 -15.08 3.64 3.88
N GLU A 120 -16.14 4.03 3.18
CA GLU A 120 -17.30 4.63 3.87
C GLU A 120 -17.94 3.65 4.84
N ALA A 121 -18.06 2.39 4.43
CA ALA A 121 -18.67 1.36 5.28
C ALA A 121 -17.81 1.04 6.51
N ILE A 122 -16.51 0.95 6.31
CA ILE A 122 -15.59 0.69 7.42
C ILE A 122 -15.60 1.87 8.39
N ASP A 123 -15.48 3.07 7.84
CA ASP A 123 -15.34 4.26 8.68
C ASP A 123 -16.61 4.49 9.49
N ALA A 124 -17.75 4.07 8.95
CA ALA A 124 -19.04 4.25 9.65
C ALA A 124 -19.34 3.10 10.61
N GLY A 125 -18.50 2.06 10.60
CA GLY A 125 -18.60 0.97 11.54
C GLY A 125 -19.39 -0.25 11.13
N TYR A 126 -19.82 -0.32 9.87
CA TYR A 126 -20.65 -1.43 9.39
C TYR A 126 -19.89 -2.74 9.18
N VAL A 127 -18.65 -2.62 8.72
CA VAL A 127 -17.83 -3.79 8.47
C VAL A 127 -16.42 -3.48 8.96
N PRO A 128 -15.68 -4.51 9.42
CA PRO A 128 -14.33 -4.26 9.92
C PRO A 128 -13.32 -4.14 8.77
N GLY A 129 -12.33 -3.29 8.96
CA GLY A 129 -11.28 -3.19 7.96
C GLY A 129 -10.23 -2.14 8.29
N PRO A 130 -9.20 -2.04 7.43
CA PRO A 130 -8.19 -1.01 7.63
C PRO A 130 -8.77 0.37 7.33
N ARG A 131 -8.07 1.41 7.79
CA ARG A 131 -8.28 2.76 7.29
C ARG A 131 -7.76 2.77 5.85
N ILE A 132 -8.65 3.02 4.89
CA ILE A 132 -8.26 2.94 3.48
C ILE A 132 -8.15 4.32 2.86
N VAL A 133 -6.98 4.63 2.34
CA VAL A 133 -6.81 5.79 1.49
C VAL A 133 -7.18 5.37 0.06
N THR A 134 -8.22 5.98 -0.49
CA THR A 134 -8.84 5.47 -1.73
C THR A 134 -8.41 6.24 -2.98
N ALA A 135 -7.78 5.55 -3.93
CA ALA A 135 -7.45 6.16 -5.22
C ALA A 135 -8.62 6.17 -6.20
N ALA A 136 -9.70 5.47 -5.85
CA ALA A 136 -10.80 5.22 -6.79
C ALA A 136 -10.29 4.50 -8.04
N ILE A 137 -10.54 5.07 -9.22
CA ILE A 137 -10.16 4.40 -10.46
C ILE A 137 -8.82 4.91 -10.96
N SER A 138 -7.89 4.00 -11.26
CA SER A 138 -6.59 4.37 -11.78
C SER A 138 -6.71 4.66 -13.28
N PHE A 139 -5.85 5.52 -13.81
CA PHE A 139 -5.90 5.84 -15.23
C PHE A 139 -4.56 6.20 -15.86
N GLY A 140 -4.52 6.12 -17.18
CA GLY A 140 -3.36 6.56 -17.93
C GLY A 140 -3.80 6.77 -19.36
N ALA A 141 -2.90 6.44 -20.28
CA ALA A 141 -3.14 6.62 -21.70
C ALA A 141 -4.11 5.58 -22.23
N THR A 142 -4.86 5.97 -23.26
CA THR A 142 -5.64 5.01 -24.02
C THR A 142 -4.69 3.89 -24.45
N GLY A 143 -5.15 2.64 -24.33
CA GLY A 143 -4.38 1.49 -24.75
C GLY A 143 -3.25 1.12 -23.81
N GLY A 144 -3.08 1.88 -22.74
CA GLY A 144 -2.01 1.68 -21.79
C GLY A 144 -2.36 0.68 -20.68
N HIS A 145 -1.46 0.59 -19.70
CA HIS A 145 -1.55 -0.44 -18.67
C HIS A 145 -2.81 -0.30 -17.82
N CYS A 146 -3.32 0.93 -17.70
CA CYS A 146 -4.53 1.21 -16.91
C CYS A 146 -5.82 1.13 -17.73
N ASP A 147 -5.71 0.82 -19.02
CA ASP A 147 -6.87 0.66 -19.89
C ASP A 147 -7.20 -0.83 -19.94
N SER A 148 -8.35 -1.15 -20.51
CA SER A 148 -8.71 -2.54 -20.78
C SER A 148 -8.01 -2.96 -22.07
N THR A 149 -7.18 -4.00 -22.01
CA THR A 149 -6.32 -4.34 -23.14
C THR A 149 -6.48 -5.77 -23.67
N PHE A 150 -7.44 -6.52 -23.14
CA PHE A 150 -7.55 -7.93 -23.49
C PHE A 150 -8.72 -8.24 -24.44
N PHE A 151 -9.30 -7.23 -25.07
CA PHE A 151 -10.48 -7.43 -25.89
C PHE A 151 -10.39 -6.81 -27.27
N PRO A 152 -11.04 -7.42 -28.27
CA PRO A 152 -11.04 -6.88 -29.63
C PRO A 152 -11.89 -5.61 -29.73
N PRO A 153 -11.68 -4.83 -30.81
CA PRO A 153 -12.35 -3.52 -30.93
C PRO A 153 -13.87 -3.61 -30.96
N SER A 154 -14.42 -4.72 -31.45
CA SER A 154 -15.87 -4.90 -31.49
C SER A 154 -16.51 -4.76 -30.11
N MET A 155 -15.77 -5.12 -29.06
CA MET A 155 -16.30 -5.06 -27.71
C MET A 155 -16.17 -3.67 -27.09
N ASP A 156 -15.36 -2.82 -27.72
CA ASP A 156 -15.23 -1.41 -27.34
C ASP A 156 -15.06 -1.22 -25.83
N GLN A 157 -14.10 -1.95 -25.27
CA GLN A 157 -13.81 -1.87 -23.84
C GLN A 157 -12.73 -0.83 -23.60
N LYS A 158 -13.07 0.17 -22.81
CA LYS A 158 -12.11 1.22 -22.48
C LYS A 158 -12.40 1.84 -21.12
N ASN A 159 -11.33 2.17 -20.41
CA ASN A 159 -11.44 2.90 -19.15
C ASN A 159 -11.97 4.30 -19.43
N PRO A 160 -13.12 4.66 -18.83
CA PRO A 160 -13.70 5.99 -19.11
C PRO A 160 -12.73 7.10 -18.71
N PHE A 161 -11.76 6.80 -17.86
CA PHE A 161 -10.78 7.80 -17.46
C PHE A 161 -9.51 7.84 -18.31
N ASN A 162 -9.46 7.04 -19.39
CA ASN A 162 -8.36 7.17 -20.35
C ASN A 162 -8.15 8.66 -20.61
N SER A 163 -6.91 9.11 -20.52
CA SER A 163 -6.59 10.52 -20.71
C SER A 163 -5.43 10.67 -21.68
N ASP A 164 -5.65 11.46 -22.74
CA ASP A 164 -4.68 11.57 -23.83
C ASP A 164 -4.30 13.03 -24.11
N SER A 165 -4.45 13.86 -23.09
CA SER A 165 -3.90 15.21 -23.13
C SER A 165 -3.80 15.70 -21.69
N PRO A 166 -2.98 16.72 -21.45
CA PRO A 166 -2.86 17.25 -20.09
C PRO A 166 -4.21 17.71 -19.54
N ASP A 167 -5.02 18.39 -20.36
CA ASP A 167 -6.31 18.86 -19.88
C ASP A 167 -7.31 17.73 -19.63
N GLU A 168 -7.24 16.67 -20.42
CA GLU A 168 -8.12 15.54 -20.12
C GLU A 168 -7.69 14.85 -18.82
N ALA A 169 -6.39 14.75 -18.60
CA ALA A 169 -5.87 14.18 -17.35
C ALA A 169 -6.29 15.03 -16.15
N ARG A 170 -6.26 16.35 -16.32
CA ARG A 170 -6.68 17.26 -15.28
C ARG A 170 -8.16 17.03 -14.96
N LYS A 171 -8.97 16.87 -16.01
CA LYS A 171 -10.38 16.61 -15.83
C LYS A 171 -10.60 15.29 -15.09
N ALA A 172 -9.81 14.27 -15.42
CA ALA A 172 -9.91 12.99 -14.73
C ALA A 172 -9.66 13.15 -13.23
N VAL A 173 -8.63 13.91 -12.89
CA VAL A 173 -8.32 14.17 -11.48
C VAL A 173 -9.52 14.82 -10.80
N ARG A 174 -10.08 15.82 -11.47
CA ARG A 174 -11.21 16.54 -10.91
C ARG A 174 -12.43 15.65 -10.71
N THR A 175 -12.70 14.78 -11.68
CA THR A 175 -13.84 13.86 -11.57
C THR A 175 -13.61 12.82 -10.48
N LEU A 176 -12.39 12.30 -10.40
CA LEU A 176 -12.08 11.29 -9.40
C LEU A 176 -12.20 11.85 -7.98
N LYS A 177 -11.65 13.05 -7.77
CA LYS A 177 -11.73 13.73 -6.48
C LYS A 177 -13.20 13.97 -6.10
N LYS A 178 -14.00 14.41 -7.07
CA LYS A 178 -15.42 14.63 -6.87
C LYS A 178 -16.14 13.42 -6.26
N TYR A 179 -15.72 12.24 -6.66
CA TYR A 179 -16.38 11.00 -6.28
C TYR A 179 -15.58 10.14 -5.31
N GLY A 180 -14.62 10.76 -4.62
CA GLY A 180 -14.03 10.10 -3.47
C GLY A 180 -12.56 9.74 -3.52
N ALA A 181 -11.88 10.07 -4.60
CA ALA A 181 -10.44 9.84 -4.64
C ALA A 181 -9.72 10.73 -3.62
N GLN A 182 -8.91 10.11 -2.77
CA GLN A 182 -8.15 10.80 -1.72
C GLN A 182 -6.68 10.86 -2.10
N VAL A 183 -6.37 10.19 -3.21
CA VAL A 183 -5.02 10.12 -3.79
C VAL A 183 -5.29 9.77 -5.25
N ILE A 184 -4.40 10.14 -6.16
CA ILE A 184 -4.58 9.82 -7.57
C ILE A 184 -3.56 8.78 -8.00
N KCX A 185 -4.02 7.76 -8.72
CA KCX A 185 -3.12 6.72 -9.25
CB KCX A 185 -3.58 5.32 -8.80
CG KCX A 185 -2.83 4.15 -9.45
CD KCX A 185 -1.38 4.06 -8.95
CE KCX A 185 -0.65 2.84 -9.55
NZ KCX A 185 -1.38 1.58 -9.24
C KCX A 185 -3.10 6.78 -10.77
O KCX A 185 -4.15 6.66 -11.41
CX KCX A 185 -0.85 0.41 -9.56
OQ1 KCX A 185 -1.48 -0.64 -9.33
OQ2 KCX A 185 0.28 0.37 -10.09
N ILE A 186 -1.92 6.97 -11.34
CA ILE A 186 -1.79 6.99 -12.80
C ILE A 186 -0.83 5.90 -13.29
N CYS A 187 -0.96 5.53 -14.55
CA CYS A 187 -0.08 4.55 -15.17
C CYS A 187 0.88 5.27 -16.11
N ALA A 188 2.14 5.37 -15.71
CA ALA A 188 3.14 6.12 -16.48
C ALA A 188 3.90 5.25 -17.48
N THR A 189 3.83 3.93 -17.31
CA THR A 189 4.50 2.98 -18.21
C THR A 189 3.63 1.75 -18.42
N GLY A 190 4.04 0.90 -19.35
CA GLY A 190 3.42 -0.41 -19.52
C GLY A 190 3.67 -1.28 -18.30
N GLY A 191 3.25 -2.54 -18.37
CA GLY A 191 3.39 -3.39 -17.20
C GLY A 191 3.37 -4.87 -17.50
N VAL A 192 3.21 -5.64 -16.44
CA VAL A 192 3.31 -7.09 -16.48
C VAL A 192 1.98 -7.75 -16.85
N PHE A 193 0.90 -7.29 -16.24
CA PHE A 193 -0.37 -8.00 -16.34
C PHE A 193 -1.35 -7.44 -17.37
N SER A 194 -0.96 -6.34 -18.03
CA SER A 194 -1.71 -5.83 -19.16
C SER A 194 -1.17 -6.45 -20.44
N ARG A 195 -1.89 -6.28 -21.54
CA ARG A 195 -1.47 -6.82 -22.84
C ARG A 195 -1.14 -5.72 -23.84
N GLY A 196 -0.17 -5.97 -24.72
CA GLY A 196 0.13 -5.03 -25.80
C GLY A 196 1.14 -3.95 -25.46
N ASN A 197 1.95 -4.21 -24.44
CA ASN A 197 3.01 -3.29 -24.07
C ASN A 197 4.13 -4.03 -23.35
N GLU A 198 5.25 -3.34 -23.12
CA GLU A 198 6.31 -3.86 -22.28
C GLU A 198 6.47 -2.91 -21.11
N PRO A 199 6.99 -3.39 -19.98
CA PRO A 199 7.15 -2.54 -18.79
C PRO A 199 8.02 -1.31 -19.02
N GLY A 200 9.00 -1.40 -19.92
CA GLY A 200 9.91 -0.30 -20.18
C GLY A 200 9.33 0.83 -21.01
N GLN A 201 8.15 0.62 -21.59
CA GLN A 201 7.57 1.65 -22.45
C GLN A 201 6.86 2.74 -21.67
N GLN A 202 7.34 3.96 -21.79
CA GLN A 202 6.68 5.11 -21.18
C GLN A 202 5.33 5.33 -21.88
N GLN A 203 4.29 5.65 -21.12
CA GLN A 203 2.94 5.76 -21.68
C GLN A 203 2.23 7.10 -21.43
N LEU A 204 2.76 7.91 -20.53
CA LEU A 204 2.27 9.28 -20.37
C LEU A 204 3.43 10.23 -20.60
N THR A 205 3.14 11.36 -21.25
CA THR A 205 4.16 12.37 -21.47
C THR A 205 4.46 13.11 -20.17
N TYR A 206 5.61 13.77 -20.13
CA TYR A 206 5.93 14.61 -18.99
C TYR A 206 4.81 15.62 -18.76
N GLU A 207 4.35 16.22 -19.85
N GLU A 207 4.33 16.25 -19.82
CA GLU A 207 3.31 17.23 -19.79
CA GLU A 207 3.30 17.27 -19.65
C GLU A 207 2.01 16.68 -19.19
C GLU A 207 1.97 16.69 -19.17
N GLU A 208 1.64 15.47 -19.57
CA GLU A 208 0.43 14.83 -19.06
C GLU A 208 0.56 14.60 -17.55
N MET A 209 1.72 14.11 -17.12
CA MET A 209 1.94 13.80 -15.71
C MET A 209 2.01 15.08 -14.87
N LYS A 210 2.63 16.11 -15.44
CA LYS A 210 2.76 17.38 -14.73
C LYS A 210 1.39 18.00 -14.45
N ALA A 211 0.47 17.88 -15.42
CA ALA A 211 -0.87 18.39 -15.23
C ALA A 211 -1.59 17.63 -14.12
N VAL A 212 -1.43 16.31 -14.09
CA VAL A 212 -2.03 15.52 -13.02
C VAL A 212 -1.53 15.98 -11.64
N VAL A 213 -0.21 16.11 -11.52
CA VAL A 213 0.41 16.50 -10.25
C VAL A 213 -0.03 17.90 -9.83
N ASP A 214 0.00 18.84 -10.76
CA ASP A 214 -0.37 20.22 -10.47
C ASP A 214 -1.80 20.27 -9.94
N GLU A 215 -2.68 19.52 -10.59
CA GLU A 215 -4.08 19.51 -10.20
C GLU A 215 -4.30 18.82 -8.86
N ALA A 216 -3.74 17.63 -8.71
CA ALA A 216 -3.85 16.92 -7.43
C ALA A 216 -3.31 17.79 -6.29
N HIS A 217 -2.14 18.38 -6.49
CA HIS A 217 -1.52 19.17 -5.42
C HIS A 217 -2.35 20.41 -5.04
N MET A 218 -3.04 21.03 -6.00
CA MET A 218 -3.93 22.15 -5.67
C MET A 218 -4.97 21.73 -4.64
N ALA A 219 -5.44 20.50 -4.76
CA ALA A 219 -6.47 19.99 -3.86
C ALA A 219 -5.86 19.38 -2.61
N GLY A 220 -4.54 19.42 -2.51
CA GLY A 220 -3.85 18.87 -1.34
C GLY A 220 -3.84 17.35 -1.32
N ILE A 221 -4.02 16.73 -2.48
CA ILE A 221 -3.88 15.27 -2.54
C ILE A 221 -2.65 14.86 -3.31
N LYS A 222 -2.19 13.64 -3.07
CA LYS A 222 -0.93 13.16 -3.66
C LYS A 222 -1.17 12.31 -4.90
N VAL A 223 -0.08 12.03 -5.61
CA VAL A 223 -0.12 11.23 -6.83
C VAL A 223 0.83 10.05 -6.71
N ALA A 224 0.31 8.86 -7.05
CA ALA A 224 1.12 7.68 -7.14
C ALA A 224 1.18 7.29 -8.60
N ALA A 225 2.37 6.98 -9.11
CA ALA A 225 2.49 6.56 -10.50
C ALA A 225 3.04 5.14 -10.63
N HIS A 226 2.27 4.28 -11.27
CA HIS A 226 2.78 2.99 -11.76
C HIS A 226 3.89 3.26 -12.77
N ALA A 227 5.10 2.78 -12.51
CA ALA A 227 6.18 2.99 -13.47
C ALA A 227 7.23 1.91 -13.30
N HIS A 228 7.41 1.10 -14.34
CA HIS A 228 8.52 0.16 -14.40
C HIS A 228 9.69 0.77 -15.18
N GLY A 229 9.42 1.23 -16.40
CA GLY A 229 10.46 1.72 -17.29
C GLY A 229 11.25 2.90 -16.74
N ALA A 230 12.54 2.95 -17.05
CA ALA A 230 13.40 4.02 -16.55
C ALA A 230 12.93 5.43 -16.88
N SER A 231 12.57 5.67 -18.14
CA SER A 231 12.21 7.03 -18.54
C SER A 231 10.90 7.46 -17.89
N GLY A 232 9.97 6.52 -17.72
CA GLY A 232 8.71 6.84 -17.07
C GLY A 232 8.92 7.22 -15.61
N ILE A 233 9.83 6.49 -14.96
CA ILE A 233 10.19 6.80 -13.58
C ILE A 233 10.81 8.19 -13.48
N ARG A 234 11.81 8.46 -14.31
CA ARG A 234 12.49 9.76 -14.30
C ARG A 234 11.51 10.91 -14.49
N GLU A 235 10.66 10.77 -15.50
CA GLU A 235 9.78 11.87 -15.89
C GLU A 235 8.66 12.05 -14.88
N ALA A 236 8.21 10.95 -14.27
CA ALA A 236 7.19 11.05 -13.23
C ALA A 236 7.79 11.79 -12.02
N VAL A 237 9.01 11.42 -11.64
CA VAL A 237 9.66 12.09 -10.52
C VAL A 237 9.83 13.58 -10.82
N ARG A 238 10.32 13.89 -12.03
CA ARG A 238 10.54 15.26 -12.46
C ARG A 238 9.24 16.07 -12.44
N ALA A 239 8.14 15.40 -12.76
CA ALA A 239 6.82 16.04 -12.81
C ALA A 239 6.26 16.33 -11.42
N GLY A 240 6.91 15.77 -10.40
CA GLY A 240 6.51 16.01 -9.02
C GLY A 240 5.65 14.91 -8.41
N VAL A 241 5.58 13.75 -9.08
CA VAL A 241 4.82 12.62 -8.55
C VAL A 241 5.34 12.25 -7.16
N ASP A 242 4.44 11.95 -6.24
CA ASP A 242 4.81 11.75 -4.84
C ASP A 242 5.40 10.38 -4.53
N THR A 243 4.76 9.34 -5.06
CA THR A 243 5.27 7.98 -4.92
C THR A 243 5.33 7.28 -6.27
N ILE A 244 6.40 6.52 -6.47
CA ILE A 244 6.57 5.73 -7.68
C ILE A 244 6.31 4.26 -7.34
N GLU A 245 5.29 3.67 -7.95
CA GLU A 245 4.97 2.28 -7.69
C GLU A 245 5.78 1.36 -8.61
N HIS A 246 6.30 0.27 -8.03
CA HIS A 246 7.11 -0.75 -8.72
C HIS A 246 8.55 -0.28 -8.89
N ALA A 247 8.72 0.79 -9.66
CA ALA A 247 10.02 1.42 -9.90
C ALA A 247 11.08 0.44 -10.40
N SER A 248 10.65 -0.56 -11.17
CA SER A 248 11.43 -1.77 -11.37
C SER A 248 12.74 -1.58 -12.13
N LEU A 249 12.71 -0.74 -13.16
CA LEU A 249 13.87 -0.59 -14.02
C LEU A 249 14.50 0.80 -13.87
N VAL A 250 14.40 1.36 -12.67
CA VAL A 250 14.97 2.69 -12.41
C VAL A 250 16.46 2.70 -12.78
N ASP A 251 16.92 3.82 -13.31
CA ASP A 251 18.34 4.00 -13.60
C ASP A 251 18.99 4.97 -12.62
N ASP A 252 20.30 5.19 -12.77
CA ASP A 252 21.02 6.07 -11.86
C ASP A 252 20.40 7.46 -11.79
N GLU A 253 20.02 7.99 -12.95
CA GLU A 253 19.48 9.34 -13.01
C GLU A 253 18.15 9.43 -12.26
N GLY A 254 17.33 8.39 -12.37
CA GLY A 254 16.05 8.35 -11.68
C GLY A 254 16.22 8.27 -10.18
N ILE A 255 17.17 7.47 -9.74
CA ILE A 255 17.49 7.39 -8.32
C ILE A 255 17.93 8.75 -7.79
N LYS A 256 18.84 9.40 -8.51
CA LYS A 256 19.34 10.72 -8.11
C LYS A 256 18.22 11.75 -8.04
N LEU A 257 17.37 11.79 -9.05
CA LEU A 257 16.21 12.69 -9.03
C LEU A 257 15.26 12.41 -7.87
N ALA A 258 15.01 11.13 -7.60
CA ALA A 258 14.11 10.76 -6.52
C ALA A 258 14.67 11.25 -5.17
N VAL A 259 15.97 11.09 -4.97
CA VAL A 259 16.58 11.58 -3.73
C VAL A 259 16.44 13.10 -3.65
N GLN A 260 16.77 13.78 -4.75
CA GLN A 260 16.75 15.23 -4.80
C GLN A 260 15.36 15.79 -4.50
N LYS A 261 14.33 15.20 -5.10
CA LYS A 261 12.98 15.73 -5.01
C LYS A 261 12.19 15.16 -3.83
N GLY A 262 12.75 14.14 -3.19
CA GLY A 262 12.08 13.51 -2.06
C GLY A 262 10.94 12.58 -2.45
N ALA A 263 11.01 12.01 -3.64
CA ALA A 263 10.00 11.03 -4.08
C ALA A 263 10.20 9.71 -3.34
N TYR A 264 9.11 9.04 -3.01
CA TYR A 264 9.18 7.72 -2.37
C TYR A 264 9.06 6.62 -3.42
N PHE A 265 9.78 5.51 -3.21
CA PHE A 265 9.58 4.34 -4.05
C PHE A 265 8.78 3.32 -3.27
N SER A 266 7.83 2.67 -3.95
CA SER A 266 6.95 1.70 -3.34
C SER A 266 7.12 0.42 -4.16
N MET A 267 8.07 -0.43 -3.77
CA MET A 267 8.49 -1.54 -4.61
C MET A 267 7.98 -2.90 -4.13
N ASP A 268 7.09 -3.50 -4.93
CA ASP A 268 6.45 -4.77 -4.59
C ASP A 268 7.33 -5.95 -4.98
N ILE A 269 8.37 -6.18 -4.18
CA ILE A 269 9.39 -7.14 -4.58
C ILE A 269 9.09 -8.58 -4.16
N TYR A 270 8.01 -8.80 -3.42
CA TYR A 270 7.67 -10.17 -3.03
C TYR A 270 6.88 -10.92 -4.08
N ASN A 271 5.85 -10.29 -4.63
CA ASN A 271 4.80 -11.04 -5.31
C ASN A 271 5.21 -11.90 -6.51
N THR A 272 6.35 -11.62 -7.14
CA THR A 272 6.81 -12.45 -8.24
C THR A 272 6.88 -13.94 -7.83
N ASP A 273 7.24 -14.19 -6.57
CA ASP A 273 7.27 -15.56 -6.07
C ASP A 273 5.92 -16.24 -6.25
N TYR A 274 4.85 -15.54 -5.87
CA TYR A 274 3.51 -16.08 -5.98
C TYR A 274 3.10 -16.24 -7.43
N THR A 275 3.36 -15.22 -8.24
CA THR A 275 2.96 -15.25 -9.64
C THR A 275 3.59 -16.41 -10.40
N GLN A 276 4.87 -16.64 -10.17
CA GLN A 276 5.56 -17.72 -10.89
C GLN A 276 5.10 -19.10 -10.42
N ALA A 277 4.70 -19.20 -9.16
CA ALA A 277 4.21 -20.46 -8.61
C ALA A 277 2.78 -20.78 -9.02
N GLU A 278 1.90 -19.78 -8.97
CA GLU A 278 0.46 -20.00 -9.09
C GLU A 278 -0.22 -19.30 -10.27
N GLY A 279 0.46 -18.36 -10.91
CA GLY A 279 -0.15 -17.55 -11.96
C GLY A 279 -0.82 -18.35 -13.06
N LYS A 280 -0.10 -19.33 -13.59
CA LYS A 280 -0.65 -20.11 -14.69
C LYS A 280 -1.92 -20.82 -14.23
N LYS A 281 -1.86 -21.46 -13.07
CA LYS A 281 -3.03 -22.11 -12.49
C LYS A 281 -4.19 -21.13 -12.32
N ASN A 282 -3.85 -19.87 -12.02
CA ASN A 282 -4.85 -18.87 -11.71
C ASN A 282 -5.47 -18.21 -12.95
N GLY A 283 -4.90 -18.49 -14.12
CA GLY A 283 -5.48 -17.98 -15.35
C GLY A 283 -4.65 -16.91 -16.05
N VAL A 284 -3.51 -16.56 -15.48
CA VAL A 284 -2.62 -15.59 -16.11
C VAL A 284 -2.01 -16.17 -17.39
N LEU A 285 -2.06 -15.40 -18.48
CA LEU A 285 -1.51 -15.87 -19.76
C LEU A 285 0.01 -15.93 -19.76
N GLU A 286 0.56 -16.79 -20.61
CA GLU A 286 2.01 -16.98 -20.64
C GLU A 286 2.79 -15.69 -20.90
N ASP A 287 2.26 -14.82 -21.78
CA ASP A 287 2.95 -13.58 -22.12
C ASP A 287 3.14 -12.72 -20.87
N ASN A 288 2.16 -12.76 -19.98
CA ASN A 288 2.23 -11.97 -18.76
C ASN A 288 3.18 -12.59 -17.73
N LEU A 289 3.17 -13.91 -17.62
CA LEU A 289 4.10 -14.60 -16.73
C LEU A 289 5.54 -14.32 -17.17
N ARG A 290 5.73 -14.23 -18.49
CA ARG A 290 7.03 -13.91 -19.08
C ARG A 290 7.47 -12.50 -18.67
N LYS A 291 6.58 -11.53 -18.82
CA LYS A 291 6.94 -10.16 -18.45
C LYS A 291 7.27 -10.08 -16.96
N ASP A 292 6.57 -10.87 -16.15
CA ASP A 292 6.86 -10.91 -14.72
C ASP A 292 8.28 -11.40 -14.47
N ARG A 293 8.70 -12.42 -15.20
CA ARG A 293 10.06 -12.94 -15.06
C ARG A 293 11.08 -11.90 -15.52
N ASP A 294 10.72 -11.13 -16.54
CA ASP A 294 11.61 -10.10 -17.06
C ASP A 294 11.96 -9.05 -16.00
N ILE A 295 11.03 -8.76 -15.10
N ILE A 295 11.01 -8.76 -15.12
CA ILE A 295 11.25 -7.67 -14.16
CA ILE A 295 11.15 -7.66 -14.15
C ILE A 295 11.54 -8.10 -12.71
C ILE A 295 11.55 -8.11 -12.74
N GLY A 296 11.15 -9.32 -12.36
CA GLY A 296 11.26 -9.81 -10.99
C GLY A 296 12.60 -9.60 -10.28
N GLU A 297 13.65 -10.19 -10.84
CA GLU A 297 14.97 -10.07 -10.23
C GLU A 297 15.57 -8.67 -10.35
N LEU A 298 15.40 -8.04 -11.52
CA LEU A 298 15.90 -6.68 -11.70
C LEU A 298 15.28 -5.71 -10.70
N GLN A 299 13.98 -5.86 -10.43
CA GLN A 299 13.30 -4.98 -9.48
C GLN A 299 13.94 -5.12 -8.10
N ARG A 300 14.20 -6.36 -7.69
CA ARG A 300 14.84 -6.64 -6.41
C ARG A 300 16.25 -6.03 -6.35
N GLU A 301 17.03 -6.20 -7.42
CA GLU A 301 18.37 -5.65 -7.44
C GLU A 301 18.34 -4.13 -7.40
N ASN A 302 17.35 -3.53 -8.04
CA ASN A 302 17.21 -2.08 -8.05
C ASN A 302 16.67 -1.53 -6.73
N PHE A 303 15.90 -2.35 -6.02
CA PHE A 303 15.51 -1.97 -4.67
C PHE A 303 16.77 -1.82 -3.82
N ARG A 304 17.66 -2.80 -3.89
CA ARG A 304 18.88 -2.75 -3.09
C ARG A 304 19.66 -1.49 -3.40
N LYS A 305 19.84 -1.23 -4.69
CA LYS A 305 20.61 -0.10 -5.19
C LYS A 305 19.98 1.24 -4.78
N ALA A 306 18.68 1.36 -4.99
CA ALA A 306 17.97 2.58 -4.63
C ALA A 306 17.97 2.82 -3.12
N LEU A 307 17.82 1.75 -2.33
CA LEU A 307 17.87 1.86 -0.88
C LEU A 307 19.23 2.36 -0.43
N LYS A 308 20.28 1.75 -0.97
CA LYS A 308 21.65 2.14 -0.61
C LYS A 308 21.91 3.60 -0.97
N ALA A 309 21.34 4.05 -2.08
CA ALA A 309 21.54 5.42 -2.55
C ALA A 309 20.74 6.46 -1.74
N GLY A 310 19.82 5.99 -0.91
CA GLY A 310 19.09 6.89 -0.03
C GLY A 310 17.66 7.21 -0.43
N VAL A 311 17.14 6.52 -1.45
CA VAL A 311 15.74 6.73 -1.84
C VAL A 311 14.82 6.32 -0.69
N LYS A 312 13.88 7.18 -0.34
N LYS A 312 13.88 7.18 -0.34
CA LYS A 312 12.94 6.88 0.73
CA LYS A 312 12.93 6.89 0.73
C LYS A 312 12.00 5.75 0.30
C LYS A 312 11.99 5.77 0.32
N MET A 313 12.01 4.66 1.06
CA MET A 313 11.20 3.49 0.73
C MET A 313 9.93 3.37 1.57
N VAL A 314 8.81 3.09 0.91
CA VAL A 314 7.60 2.72 1.62
C VAL A 314 7.22 1.29 1.27
N TYR A 315 6.42 0.69 2.15
CA TYR A 315 5.99 -0.70 2.02
C TYR A 315 4.76 -0.79 1.14
N GLY A 316 4.93 -1.34 -0.07
CA GLY A 316 3.81 -1.51 -0.98
C GLY A 316 3.92 -2.89 -1.60
N THR A 317 2.89 -3.72 -1.45
CA THR A 317 3.03 -5.13 -1.85
C THR A 317 2.25 -5.57 -3.08
N ASP A 318 1.29 -4.76 -3.51
CA ASP A 318 0.37 -5.17 -4.57
C ASP A 318 -0.50 -6.37 -4.18
N ALA A 319 -0.98 -6.39 -2.94
CA ALA A 319 -1.96 -7.41 -2.54
C ALA A 319 -3.12 -7.41 -3.54
N GLY A 320 -3.58 -8.59 -3.93
CA GLY A 320 -4.52 -8.74 -5.04
C GLY A 320 -3.83 -9.46 -6.18
N ILE A 321 -2.55 -9.15 -6.38
CA ILE A 321 -1.69 -9.93 -7.26
C ILE A 321 -1.35 -11.25 -6.57
N TYR A 322 -1.14 -11.19 -5.25
CA TYR A 322 -1.00 -12.37 -4.40
C TYR A 322 -2.07 -12.27 -3.30
N PRO A 323 -2.27 -13.34 -2.52
CA PRO A 323 -3.41 -13.37 -1.60
C PRO A 323 -3.45 -12.30 -0.50
N HIS A 324 -4.58 -11.64 -0.40
CA HIS A 324 -4.81 -10.67 0.67
C HIS A 324 -4.65 -11.37 2.03
N GLY A 325 -3.94 -10.71 2.94
CA GLY A 325 -3.69 -11.29 4.26
C GLY A 325 -2.26 -11.80 4.39
N ASP A 326 -1.62 -12.04 3.25
CA ASP A 326 -0.21 -12.46 3.24
C ASP A 326 0.73 -11.25 3.18
N ASN A 327 0.20 -10.06 3.49
CA ASN A 327 0.89 -8.80 3.21
C ASN A 327 2.26 -8.69 3.89
N ALA A 328 2.46 -9.39 4.99
CA ALA A 328 3.73 -9.29 5.73
C ALA A 328 4.89 -10.10 5.14
N LYS A 329 4.61 -10.93 4.12
CA LYS A 329 5.66 -11.77 3.55
C LYS A 329 6.79 -10.97 2.90
N GLN A 330 6.50 -9.72 2.50
CA GLN A 330 7.47 -8.91 1.79
C GLN A 330 8.61 -8.38 2.68
N PHE A 331 8.37 -8.24 3.98
CA PHE A 331 9.41 -7.71 4.86
C PHE A 331 10.73 -8.48 4.71
N ALA A 332 10.62 -9.81 4.71
CA ALA A 332 11.80 -10.67 4.61
C ALA A 332 12.57 -10.45 3.31
N VAL A 333 11.83 -10.21 2.23
CA VAL A 333 12.45 -9.99 0.93
C VAL A 333 13.22 -8.67 0.92
N MET A 334 12.66 -7.65 1.57
CA MET A 334 13.35 -6.38 1.66
C MET A 334 14.67 -6.52 2.44
N VAL A 335 14.63 -7.28 3.52
CA VAL A 335 15.85 -7.57 4.28
C VAL A 335 16.86 -8.34 3.44
N ARG A 336 16.41 -9.34 2.71
CA ARG A 336 17.30 -10.09 1.81
C ARG A 336 17.96 -9.16 0.82
N TYR A 337 17.21 -8.17 0.34
CA TYR A 337 17.76 -7.22 -0.63
C TYR A 337 18.29 -5.90 -0.04
N GLY A 338 18.74 -5.96 1.21
CA GLY A 338 19.57 -4.88 1.73
C GLY A 338 19.07 -4.13 2.96
N ALA A 339 17.77 -4.20 3.22
CA ALA A 339 17.22 -3.44 4.34
C ALA A 339 17.56 -4.09 5.68
N THR A 340 17.73 -3.28 6.72
CA THR A 340 17.72 -3.81 8.07
C THR A 340 16.26 -4.08 8.41
N PRO A 341 16.03 -4.95 9.40
CA PRO A 341 14.66 -5.13 9.88
C PRO A 341 14.03 -3.79 10.24
N LEU A 342 14.77 -2.93 10.91
CA LEU A 342 14.23 -1.63 11.29
C LEU A 342 13.77 -0.83 10.07
N GLN A 343 14.61 -0.78 9.03
CA GLN A 343 14.23 -0.06 7.81
C GLN A 343 12.97 -0.66 7.18
N ALA A 344 12.90 -1.98 7.16
CA ALA A 344 11.73 -2.64 6.59
C ALA A 344 10.49 -2.27 7.39
N ILE A 345 10.61 -2.30 8.71
CA ILE A 345 9.48 -1.94 9.58
C ILE A 345 9.10 -0.48 9.40
N GLN A 346 10.11 0.39 9.37
CA GLN A 346 9.89 1.80 9.12
C GLN A 346 9.15 2.05 7.79
N SER A 347 9.45 1.25 6.78
CA SER A 347 8.80 1.48 5.48
C SER A 347 7.28 1.25 5.53
N ALA A 348 6.83 0.43 6.48
CA ALA A 348 5.41 0.10 6.65
C ALA A 348 4.82 0.82 7.84
N THR A 349 5.55 1.76 8.43
CA THR A 349 5.01 2.47 9.58
C THR A 349 5.34 3.96 9.46
N LEU A 350 6.47 4.35 10.04
CA LEU A 350 6.89 5.75 10.04
C LEU A 350 6.94 6.39 8.63
N THR A 351 7.62 5.73 7.70
CA THR A 351 7.83 6.32 6.38
C THR A 351 6.54 6.30 5.57
N ALA A 352 5.79 5.22 5.70
CA ALA A 352 4.52 5.12 4.98
C ALA A 352 3.59 6.25 5.39
N ALA A 353 3.48 6.49 6.69
CA ALA A 353 2.57 7.52 7.19
C ALA A 353 3.02 8.89 6.66
N GLU A 354 4.32 9.12 6.61
CA GLU A 354 4.86 10.36 6.05
C GLU A 354 4.46 10.52 4.57
N ALA A 355 4.54 9.42 3.82
CA ALA A 355 4.19 9.45 2.40
C ALA A 355 2.70 9.64 2.19
N LEU A 356 1.91 9.27 3.19
CA LEU A 356 0.46 9.49 3.14
C LEU A 356 0.08 10.91 3.59
N GLY A 357 1.03 11.61 4.20
CA GLY A 357 0.74 12.89 4.81
C GLY A 357 -0.09 12.72 6.06
N ARG A 358 0.06 11.57 6.72
CA ARG A 358 -0.78 11.24 7.87
C ARG A 358 0.04 10.91 9.12
N SER A 359 1.21 11.53 9.24
CA SER A 359 2.08 11.28 10.39
C SER A 359 1.39 11.59 11.73
N LYS A 360 0.47 12.55 11.73
CA LYS A 360 -0.23 12.90 12.97
C LYS A 360 -1.21 11.83 13.43
N ASP A 361 -1.58 10.93 12.52
CA ASP A 361 -2.66 9.98 12.78
C ASP A 361 -2.23 8.51 12.89
N VAL A 362 -1.26 8.11 12.06
CA VAL A 362 -0.88 6.70 12.00
C VAL A 362 0.63 6.56 11.88
N GLY A 363 1.12 5.32 11.91
CA GLY A 363 2.53 5.05 11.65
C GLY A 363 3.43 4.98 12.87
N GLN A 364 2.96 5.44 14.03
CA GLN A 364 3.74 5.37 15.27
C GLN A 364 2.84 5.16 16.46
N VAL A 365 3.38 4.52 17.49
CA VAL A 365 2.68 4.47 18.76
C VAL A 365 3.14 5.69 19.55
N ALA A 366 2.36 6.76 19.46
CA ALA A 366 2.70 8.03 20.08
C ALA A 366 1.41 8.76 20.45
N VAL A 367 1.45 9.56 21.49
CA VAL A 367 0.26 10.28 21.92
C VAL A 367 -0.31 11.12 20.79
N GLY A 368 -1.64 11.05 20.63
CA GLY A 368 -2.31 11.80 19.59
C GLY A 368 -2.68 10.97 18.37
N ARG A 369 -1.88 9.94 18.09
CA ARG A 369 -2.14 9.05 16.96
C ARG A 369 -3.27 8.07 17.26
N TYR A 370 -3.86 7.48 16.22
CA TYR A 370 -4.85 6.43 16.42
C TYR A 370 -4.26 5.26 17.19
N GLY A 371 -5.10 4.62 18.00
CA GLY A 371 -4.71 3.42 18.73
C GLY A 371 -4.70 2.21 17.82
N ASP A 372 -3.76 2.21 16.89
CA ASP A 372 -3.61 1.12 15.94
C ASP A 372 -2.27 0.45 16.28
N MET A 373 -2.31 -0.83 16.66
CA MET A 373 -1.10 -1.53 17.12
C MET A 373 -1.17 -3.00 16.78
N ILE A 374 -0.01 -3.63 16.70
CA ILE A 374 0.07 -5.09 16.70
C ILE A 374 1.03 -5.50 17.80
N ALA A 375 1.02 -6.79 18.15
CA ALA A 375 2.11 -7.33 18.95
C ALA A 375 2.63 -8.59 18.27
N VAL A 376 3.93 -8.81 18.39
CA VAL A 376 4.57 -9.98 17.80
C VAL A 376 5.40 -10.67 18.86
N ALA A 377 5.55 -11.98 18.71
CA ALA A 377 6.45 -12.75 19.56
C ALA A 377 7.87 -12.55 19.06
N GLY A 378 8.84 -12.67 19.96
CA GLY A 378 10.23 -12.57 19.56
C GLY A 378 10.74 -11.15 19.40
N ASP A 379 11.72 -10.98 18.53
CA ASP A 379 12.51 -9.76 18.46
C ASP A 379 12.51 -9.20 17.04
N PRO A 380 11.52 -8.34 16.71
CA PRO A 380 11.35 -7.91 15.32
C PRO A 380 12.54 -7.10 14.77
N LEU A 381 13.34 -6.49 15.63
CA LEU A 381 14.53 -5.79 15.17
C LEU A 381 15.60 -6.78 14.69
N ALA A 382 15.48 -8.02 15.14
CA ALA A 382 16.47 -9.04 14.82
C ALA A 382 15.96 -10.01 13.75
N ASP A 383 14.64 -10.19 13.70
CA ASP A 383 14.02 -11.12 12.75
C ASP A 383 12.66 -10.57 12.31
N VAL A 384 12.63 -9.95 11.14
CA VAL A 384 11.43 -9.28 10.68
C VAL A 384 10.26 -10.24 10.39
N THR A 385 10.55 -11.53 10.21
CA THR A 385 9.51 -12.50 9.89
C THR A 385 8.53 -12.70 11.06
N THR A 386 8.88 -12.20 12.24
CA THR A 386 7.96 -12.24 13.38
C THR A 386 6.67 -11.49 13.04
N LEU A 387 6.76 -10.57 12.08
CA LEU A 387 5.57 -9.80 11.67
C LEU A 387 4.58 -10.62 10.84
N GLU A 388 5.00 -11.80 10.40
CA GLU A 388 4.12 -12.66 9.60
C GLU A 388 3.02 -13.31 10.44
N LYS A 389 3.23 -13.38 11.75
CA LYS A 389 2.25 -14.02 12.63
C LYS A 389 2.00 -13.20 13.88
N PRO A 390 1.40 -12.01 13.74
CA PRO A 390 1.14 -11.21 14.93
C PRO A 390 0.20 -11.94 15.88
N VAL A 391 0.39 -11.77 17.18
CA VAL A 391 -0.44 -12.42 18.18
C VAL A 391 -1.55 -11.49 18.65
N PHE A 392 -1.45 -10.21 18.27
CA PHE A 392 -2.38 -9.17 18.72
C PHE A 392 -2.54 -8.12 17.62
N VAL A 393 -3.77 -7.71 17.37
CA VAL A 393 -4.03 -6.59 16.49
C VAL A 393 -5.11 -5.72 17.12
N MET A 394 -4.88 -4.41 17.13
CA MET A 394 -5.87 -3.44 17.62
C MET A 394 -6.00 -2.31 16.61
N LYS A 395 -7.25 -1.91 16.32
CA LYS A 395 -7.48 -0.79 15.42
C LYS A 395 -8.50 0.15 16.02
N GLY A 396 -8.11 1.42 16.16
CA GLY A 396 -8.96 2.40 16.83
C GLY A 396 -9.42 1.94 18.19
N GLY A 397 -8.52 1.28 18.93
CA GLY A 397 -8.85 0.79 20.26
C GLY A 397 -9.66 -0.50 20.28
N ALA A 398 -10.12 -0.96 19.11
CA ALA A 398 -10.86 -2.21 19.06
C ALA A 398 -9.90 -3.39 18.95
N VAL A 399 -10.13 -4.41 19.76
CA VAL A 399 -9.29 -5.60 19.70
C VAL A 399 -9.77 -6.48 18.55
N VAL A 400 -8.92 -6.64 17.54
CA VAL A 400 -9.20 -7.43 16.36
C VAL A 400 -8.75 -8.87 16.56
N LYS A 401 -7.59 -9.01 17.20
CA LYS A 401 -6.99 -10.31 17.44
C LYS A 401 -6.23 -10.24 18.75
N ALA A 402 -6.30 -11.30 19.55
CA ALA A 402 -5.52 -11.31 20.79
C ALA A 402 -5.28 -12.74 21.28
N PRO A 403 -4.23 -12.94 22.09
CA PRO A 403 -3.98 -14.26 22.68
C PRO A 403 -5.17 -14.68 23.55
ZN ZN B . -1.17 -2.34 -8.27
ZN ZN C . 1.11 -1.05 -11.23
CP M3R D . -2.43 -3.49 -11.29
P M3R D . -0.66 -3.52 -11.15
OPA M3R D . -0.18 -3.37 -9.66
OPB M3R D . -0.05 -2.41 -11.93
N M3R D . 0.04 -4.91 -11.60
CA M3R D . 1.52 -4.94 -11.86
C M3R D . 1.81 -4.97 -13.36
OXT M3R D . 1.09 -5.62 -14.10
CB M3R D . 2.26 -6.09 -11.16
CG M3R D . 3.79 -6.04 -11.22
CD M3R D . 3.97 -7.52 -11.00
NE M3R D . 5.39 -7.87 -10.79
CZ M3R D . 6.54 -7.75 -10.14
NH2 M3R D . 6.61 -6.91 -9.13
NH1 M3R D . 7.61 -8.47 -10.47
O M3R D . 2.72 -4.33 -13.85
S SO4 E . 16.08 5.56 -21.57
O1 SO4 E . 15.44 4.71 -22.57
O2 SO4 E . 15.76 6.96 -21.85
O3 SO4 E . 15.60 5.18 -20.24
O4 SO4 E . 17.52 5.37 -21.61
S SO4 F . -5.76 13.89 5.60
O1 SO4 F . -5.26 12.58 5.17
O2 SO4 F . -5.37 14.91 4.62
O3 SO4 F . -7.23 13.86 5.70
O4 SO4 F . -5.20 14.24 6.91
S SO4 G . 21.67 -11.03 -4.96
O1 SO4 G . 23.11 -11.13 -5.20
O2 SO4 G . 21.07 -10.23 -6.03
O3 SO4 G . 21.06 -12.36 -4.94
O4 SO4 G . 21.44 -10.37 -3.67
S SO4 H . -11.12 11.12 15.74
O1 SO4 H . -11.76 9.88 15.32
O2 SO4 H . -10.35 11.66 14.63
O3 SO4 H . -12.13 12.10 16.14
O4 SO4 H . -10.26 10.84 16.88
S SO4 I . -13.80 -4.09 21.24
O1 SO4 I . -13.96 -4.04 19.78
O2 SO4 I . -12.45 -4.53 21.60
O3 SO4 I . -14.04 -2.75 21.78
O4 SO4 I . -14.78 -5.02 21.80
S SO4 J . 11.37 -16.53 -20.38
O1 SO4 J . 10.21 -17.30 -20.83
O2 SO4 J . 12.47 -17.43 -20.06
O3 SO4 J . 11.77 -15.62 -21.47
O4 SO4 J . 11.05 -15.74 -19.19
S SO4 K . -9.43 10.49 9.11
O1 SO4 K . -10.32 9.88 8.11
O2 SO4 K . -8.67 9.43 9.77
O3 SO4 K . -8.51 11.42 8.43
O4 SO4 K . -10.21 11.23 10.10
C1 GOL L . -24.42 1.57 13.39
O1 GOL L . -24.19 2.78 12.69
C2 GOL L . -23.36 0.54 13.00
O2 GOL L . -22.39 1.20 12.20
C3 GOL L . -23.99 -0.60 12.21
O3 GOL L . -23.69 -1.85 12.82
C1 GOL M . -12.64 2.87 12.70
O1 GOL M . -12.49 1.63 13.35
C2 GOL M . -12.48 4.03 13.67
O2 GOL M . -12.40 5.24 12.94
C3 GOL M . -11.21 3.82 14.49
O3 GOL M . -10.87 4.97 15.25
C1 GOL N . -8.05 7.33 6.57
O1 GOL N . -6.73 7.54 6.09
C2 GOL N . -8.91 6.66 5.50
O2 GOL N . -9.01 7.47 4.36
C3 GOL N . -10.31 6.42 6.08
O3 GOL N . -10.17 5.59 7.22
C1 GOL O . 11.96 3.62 29.54
O1 GOL O . 11.20 4.57 28.82
C2 GOL O . 13.07 3.11 28.62
O2 GOL O . 13.06 3.86 27.44
C3 GOL O . 12.80 1.64 28.30
O3 GOL O . 12.64 0.93 29.49
C1 GOL P . -13.17 11.69 -17.17
O1 GOL P . -13.25 12.76 -16.25
C2 GOL P . -14.54 11.17 -17.61
O2 GOL P . -15.53 12.17 -17.48
C3 GOL P . -14.92 9.95 -16.78
O3 GOL P . -16.15 9.43 -17.22
C1 GOL Q . -11.12 -8.24 -11.20
O1 GOL Q . -9.90 -8.93 -11.40
C2 GOL Q . -10.91 -7.12 -10.20
O2 GOL Q . -9.85 -6.30 -10.65
C3 GOL Q . -12.19 -6.29 -10.08
O3 GOL Q . -12.66 -5.97 -11.38
C1 GOL R . 13.39 -13.50 22.02
O1 GOL R . 14.66 -12.90 21.89
C2 GOL R . 12.37 -12.39 22.27
O2 GOL R . 13.09 -11.21 22.53
C3 GOL R . 11.45 -12.78 23.43
O3 GOL R . 10.74 -13.99 23.15
C1 PEG S . -17.31 -18.87 -11.66
O1 PEG S . -16.11 -19.47 -11.24
C2 PEG S . -18.45 -19.61 -11.02
O2 PEG S . -19.23 -18.61 -10.39
C3 PEG S . -20.12 -17.96 -11.25
C4 PEG S . -21.04 -17.07 -10.44
O4 PEG S . -22.36 -17.41 -10.82
C1 PEG T . 6.32 13.29 18.11
O1 PEG T . 6.19 11.90 18.32
C2 PEG T . 5.81 13.63 16.74
O2 PEG T . 5.40 14.98 16.78
C3 PEG T . 4.10 15.17 17.29
C4 PEG T . 3.91 16.64 17.62
O4 PEG T . 3.09 16.73 18.77
#